data_1D7T
#
_entry.id   1D7T
#
_cell.length_a   1.000
_cell.length_b   1.000
_cell.length_c   1.000
_cell.angle_alpha   90.00
_cell.angle_beta   90.00
_cell.angle_gamma   90.00
#
_symmetry.space_group_name_H-M   'P 1'
#
_entity_poly.entity_id   1
_entity_poly.type   'polypeptide(L)'
_entity_poly.pdbx_seq_one_letter_code
;GC(HYP)(DTY)NPK(CY3)
;
_entity_poly.pdbx_strand_id   A
#
# COMPACT_ATOMS: atom_id res chain seq x y z
N GLY A 1 5.74 1.03 -1.82
CA GLY A 1 5.46 1.81 -0.58
C GLY A 1 3.96 2.08 -0.58
N CYS A 2 3.51 3.08 0.13
CA CYS A 2 2.05 3.42 0.17
C CYS A 2 1.87 4.83 -0.44
N HYP A 3 0.74 5.18 -1.01
CA HYP A 3 -0.50 4.34 -1.07
C HYP A 3 -0.38 3.11 -1.98
O HYP A 3 0.67 2.70 -2.42
CB HYP A 3 -1.62 5.28 -1.52
CG HYP A 3 -0.91 6.49 -2.17
CD HYP A 3 0.56 6.49 -1.67
OD1 HYP A 3 -1.60 7.61 -1.61
HA HYP A 3 -0.71 3.99 -0.04
HB2 HYP A 3 -2.21 5.60 -0.66
HB3 HYP A 3 -2.30 4.82 -2.24
HG HYP A 3 -0.99 6.47 -3.26
HD22 HYP A 3 0.75 7.30 -0.98
HD23 HYP A 3 1.26 6.58 -2.50
HD1 HYP A 3 -1.07 8.39 -1.82
N DTY A 4 -1.55 2.56 -2.23
CA DTY A 4 -1.82 1.35 -3.07
C DTY A 4 -1.25 -0.06 -2.95
O DTY A 4 -1.26 -0.83 -3.88
CB DTY A 4 -1.77 1.87 -4.57
CG DTY A 4 -3.16 2.44 -4.81
CD1 DTY A 4 -3.40 3.79 -4.71
CD2 DTY A 4 -4.21 1.60 -5.13
CE1 DTY A 4 -4.66 4.29 -4.92
CE2 DTY A 4 -5.47 2.09 -5.32
CZ DTY A 4 -5.69 3.44 -5.22
OH DTY A 4 -6.95 3.97 -5.42
H DTY A 4 -2.32 2.99 -1.83
HA DTY A 4 -0.80 1.42 -3.39
HB2 DTY A 4 -1.57 1.09 -5.27
HB3 DTY A 4 -1.04 2.64 -4.75
HD1 DTY A 4 -2.59 4.47 -4.48
HD2 DTY A 4 -4.04 0.53 -5.22
HE1 DTY A 4 -4.83 5.36 -4.84
HE2 DTY A 4 -6.28 1.43 -5.58
HH DTY A 4 -7.62 3.28 -5.29
N ASN A 5 -0.78 -0.35 -1.77
CA ASN A 5 -0.19 -1.70 -1.51
C ASN A 5 -1.26 -2.28 -0.63
N PRO A 6 -1.83 -3.41 -0.96
CA PRO A 6 -3.07 -3.85 -0.29
C PRO A 6 -2.86 -4.28 1.15
N LYS A 7 -1.64 -4.12 1.53
CA LYS A 7 -1.24 -4.48 2.92
C LYS A 7 -0.79 -3.24 3.68
N CY3 A 8 -1.05 -2.08 3.13
CA CY3 A 8 -0.62 -0.82 3.83
C CY3 A 8 -1.72 -0.43 4.83
O CY3 A 8 -2.86 -0.86 4.75
CB CY3 A 8 -0.42 0.33 2.81
SG CY3 A 8 1.16 0.42 1.96
N1 CY3 A 8 -1.41 0.37 5.80
H CY3 A 8 -1.52 -2.04 2.27
HA CY3 A 8 0.30 -1.02 4.38
HB2 CY3 A 8 -0.55 1.26 3.35
HB3 CY3 A 8 -1.21 0.27 2.08
HN11 CY3 A 8 -0.49 0.70 5.88
HN12 CY3 A 8 -2.08 0.63 6.47
N GLY A 1 5.24 0.57 -2.02
CA GLY A 1 5.13 1.72 -1.07
C GLY A 1 3.66 2.07 -0.97
N CYS A 2 3.31 3.02 -0.16
CA CYS A 2 1.88 3.42 -0.01
C CYS A 2 1.87 4.93 -0.37
N HYP A 3 0.78 5.51 -0.83
CA HYP A 3 -0.49 4.79 -1.17
C HYP A 3 -0.30 3.68 -2.21
O HYP A 3 0.57 3.79 -3.06
CB HYP A 3 -1.48 5.89 -1.65
CG HYP A 3 -0.74 7.26 -1.58
CD HYP A 3 0.72 6.98 -1.08
OD1 HYP A 3 -1.37 8.01 -0.55
HA HYP A 3 -0.87 4.32 -0.29
HB2 HYP A 3 -2.40 5.86 -1.08
HB3 HYP A 3 -1.72 5.69 -2.69
HG HYP A 3 -0.73 7.79 -2.52
HD22 HYP A 3 0.98 7.49 -0.16
HD23 HYP A 3 1.45 7.22 -1.83
HD1 HYP A 3 -1.50 7.44 0.21
N DTY A 4 -1.14 2.68 -2.09
CA DTY A 4 -1.25 1.43 -2.94
C DTY A 4 -0.75 0.01 -2.70
O DTY A 4 -0.62 -0.77 -3.64
CB DTY A 4 -0.93 1.81 -4.47
CG DTY A 4 -2.31 1.80 -5.14
CD1 DTY A 4 -2.82 0.62 -5.66
CD2 DTY A 4 -3.07 2.94 -5.26
CE1 DTY A 4 -4.05 0.59 -6.26
CE2 DTY A 4 -4.31 2.92 -5.88
CZ DTY A 4 -4.81 1.73 -6.38
OH DTY A 4 -6.02 1.68 -6.99
H DTY A 4 -1.78 2.77 -1.36
HA DTY A 4 -0.17 1.54 -3.00
HB2 DTY A 4 -0.31 1.06 -4.97
HB3 DTY A 4 -0.50 2.77 -4.64
HD1 DTY A 4 -2.24 -0.29 -5.57
HD2 DTY A 4 -2.69 3.88 -4.87
HE1 DTY A 4 -4.43 -0.35 -6.65
HE2 DTY A 4 -4.88 3.84 -5.96
HH DTY A 4 -6.71 1.85 -6.34
N ASN A 5 -0.49 -0.31 -1.47
CA ASN A 5 -0.01 -1.69 -1.17
C ASN A 5 -1.19 -2.32 -0.42
N PRO A 6 -1.72 -3.42 -0.88
CA PRO A 6 -2.94 -4.05 -0.30
C PRO A 6 -2.77 -4.31 1.18
N LYS A 7 -1.53 -4.36 1.56
CA LYS A 7 -1.19 -4.62 2.97
C LYS A 7 -0.83 -3.27 3.65
N CY3 A 8 -1.39 -2.18 3.18
CA CY3 A 8 -1.07 -0.85 3.80
C CY3 A 8 -2.05 -0.75 4.98
O CY3 A 8 -2.83 0.18 5.12
CB CY3 A 8 -1.34 0.36 2.82
SG CY3 A 8 -0.28 0.63 1.37
N1 CY3 A 8 -2.07 -1.69 5.87
H CY3 A 8 -2.00 -2.25 2.40
HA CY3 A 8 -0.06 -0.84 4.17
HB2 CY3 A 8 -1.30 1.26 3.42
HB3 CY3 A 8 -2.36 0.25 2.47
HN11 CY3 A 8 -1.45 -2.44 5.77
HN12 CY3 A 8 -2.68 -1.66 6.62
N GLY A 1 6.40 2.18 -2.33
CA GLY A 1 5.90 2.32 -0.93
C GLY A 1 4.38 2.30 -1.07
N CYS A 2 3.73 3.06 -0.23
CA CYS A 2 2.22 3.16 -0.23
C CYS A 2 1.97 4.69 -0.42
N HYP A 3 0.77 5.16 -0.63
CA HYP A 3 -0.46 4.33 -0.79
C HYP A 3 -0.43 3.34 -1.95
O HYP A 3 0.47 3.40 -2.78
CB HYP A 3 -1.64 5.33 -0.94
CG HYP A 3 -1.05 6.75 -0.69
CD HYP A 3 0.53 6.62 -0.75
OD1 HYP A 3 -1.45 7.01 0.64
HA HYP A 3 -0.62 3.79 0.12
HB2 HYP A 3 -2.43 5.09 -0.25
HB3 HYP A 3 -2.02 5.26 -1.93
HG HYP A 3 -1.41 7.53 -1.38
HD22 HYP A 3 1.02 7.14 0.07
HD23 HYP A 3 0.90 6.93 -1.71
HD1 HYP A 3 -1.26 7.93 0.80
N DTY A 4 -1.39 2.45 -1.90
CA DTY A 4 -1.67 1.34 -2.87
C DTY A 4 -1.16 -0.09 -2.79
O DTY A 4 -1.19 -0.82 -3.77
CB DTY A 4 -1.48 1.85 -4.39
CG DTY A 4 -2.91 1.98 -4.89
CD1 DTY A 4 -3.60 3.17 -4.85
CD2 DTY A 4 -3.54 0.85 -5.37
CE1 DTY A 4 -4.90 3.23 -5.29
CE2 DTY A 4 -4.83 0.91 -5.82
CZ DTY A 4 -5.53 2.10 -5.78
OH DTY A 4 -6.84 2.14 -6.21
H DTY A 4 -2.00 2.50 -1.12
HA DTY A 4 -0.60 1.39 -3.08
HB2 DTY A 4 -0.93 1.16 -5.02
HB3 DTY A 4 -1.01 2.81 -4.46
HD1 DTY A 4 -3.13 4.06 -4.47
HD2 DTY A 4 -3.02 -0.09 -5.41
HE1 DTY A 4 -5.43 4.17 -5.29
HE2 DTY A 4 -5.31 0.02 -6.21
HH DTY A 4 -6.96 1.35 -6.76
N ASN A 5 -0.72 -0.48 -1.62
CA ASN A 5 -0.22 -1.89 -1.46
C ASN A 5 -1.25 -2.49 -0.55
N PRO A 6 -1.80 -3.64 -0.85
CA PRO A 6 -3.14 -4.01 -0.31
C PRO A 6 -3.10 -4.47 1.12
N LYS A 7 -1.95 -4.25 1.66
CA LYS A 7 -1.62 -4.60 3.05
C LYS A 7 -1.23 -3.32 3.82
N CY3 A 8 -1.33 -2.17 3.21
CA CY3 A 8 -0.94 -0.91 3.93
C CY3 A 8 -2.14 -0.28 4.66
O CY3 A 8 -2.59 0.82 4.36
CB CY3 A 8 -0.29 0.07 2.91
SG CY3 A 8 1.34 0.71 3.35
N1 CY3 A 8 -2.69 -0.94 5.63
H CY3 A 8 -1.66 -2.13 2.29
HA CY3 A 8 -0.19 -1.15 4.66
HB2 CY3 A 8 -0.94 0.92 2.77
HB3 CY3 A 8 -0.23 -0.39 1.95
HN11 CY3 A 8 -2.36 -1.83 5.89
HN12 CY3 A 8 -3.42 -0.53 6.12
N GLY A 1 6.29 2.59 -1.32
CA GLY A 1 5.48 1.38 -1.02
C GLY A 1 4.03 1.75 -1.31
N CYS A 2 3.47 2.55 -0.45
CA CYS A 2 2.07 3.03 -0.59
C CYS A 2 2.18 4.55 -0.75
N HYP A 3 1.15 5.27 -1.08
CA HYP A 3 -0.27 4.80 -1.14
C HYP A 3 -0.51 3.65 -2.14
O HYP A 3 0.13 3.57 -3.17
CB HYP A 3 -1.12 6.03 -1.49
CG HYP A 3 -0.10 7.09 -2.01
CD HYP A 3 1.30 6.69 -1.46
OD1 HYP A 3 -0.48 8.32 -1.40
HA HYP A 3 -0.55 4.45 -0.17
HB2 HYP A 3 -1.64 6.38 -0.60
HB3 HYP A 3 -1.84 5.80 -2.26
HG HYP A 3 -0.11 7.17 -3.10
HD22 HYP A 3 1.56 7.27 -0.59
HD23 HYP A 3 2.06 6.81 -2.23
HD1 HYP A 3 -1.31 8.19 -0.93
N DTY A 4 -1.43 2.81 -1.75
CA DTY A 4 -1.91 1.58 -2.49
C DTY A 4 -1.38 0.16 -2.48
O DTY A 4 -1.53 -0.60 -3.44
CB DTY A 4 -2.22 2.04 -4.00
CG DTY A 4 -3.45 2.97 -3.88
CD1 DTY A 4 -3.34 4.34 -4.14
CD2 DTY A 4 -4.67 2.45 -3.50
CE1 DTY A 4 -4.44 5.16 -4.00
CE2 DTY A 4 -5.77 3.29 -3.37
CZ DTY A 4 -5.67 4.64 -3.61
OH DTY A 4 -6.76 5.47 -3.47
H DTY A 4 -1.83 2.99 -0.88
HA DTY A 4 -0.95 1.62 -2.95
HB2 DTY A 4 -2.49 1.20 -4.62
HB3 DTY A 4 -1.43 2.58 -4.51
HD1 DTY A 4 -2.38 4.76 -4.44
HD2 DTY A 4 -4.78 1.39 -3.30
HE1 DTY A 4 -4.34 6.21 -4.19
HE2 DTY A 4 -6.71 2.87 -3.08
HH DTY A 4 -7.53 4.90 -3.53
N ASN A 5 -0.76 -0.22 -1.40
CA ASN A 5 -0.21 -1.61 -1.32
C ASN A 5 -1.26 -2.32 -0.49
N PRO A 6 -1.69 -3.50 -0.87
CA PRO A 6 -2.89 -4.11 -0.21
C PRO A 6 -2.66 -4.47 1.25
N LYS A 7 -1.42 -4.31 1.60
CA LYS A 7 -0.98 -4.62 3.00
C LYS A 7 -1.04 -3.34 3.82
N CY3 A 8 -1.31 -2.22 3.21
CA CY3 A 8 -1.36 -0.94 3.97
C CY3 A 8 -2.81 -0.74 4.44
O CY3 A 8 -3.45 0.26 4.20
CB CY3 A 8 -0.90 0.23 3.05
SG CY3 A 8 0.89 0.56 2.97
N1 CY3 A 8 -3.37 -1.70 5.11
H CY3 A 8 -1.48 -2.23 2.24
HA CY3 A 8 -0.72 -1.01 4.84
HB2 CY3 A 8 -1.36 1.13 3.41
HB3 CY3 A 8 -1.26 0.06 2.05
HN11 CY3 A 8 -2.86 -2.51 5.30
HN12 CY3 A 8 -4.31 -1.62 5.40
N GLY A 1 5.74 0.61 -0.37
CA GLY A 1 5.50 1.94 -0.93
C GLY A 1 3.99 2.11 -1.01
N CYS A 2 3.47 3.06 -0.30
CA CYS A 2 2.01 3.35 -0.26
C CYS A 2 1.92 4.88 -0.59
N HYP A 3 0.78 5.42 -0.92
CA HYP A 3 -0.52 4.70 -1.10
C HYP A 3 -0.50 3.57 -2.16
O HYP A 3 0.37 3.51 -3.03
CB HYP A 3 -1.54 5.81 -1.47
CG HYP A 3 -0.82 7.19 -1.46
CD HYP A 3 0.68 6.91 -1.15
OD1 HYP A 3 -1.36 7.92 -0.35
HA HYP A 3 -0.78 4.23 -0.16
HB2 HYP A 3 -2.39 5.79 -0.79
HB3 HYP A 3 -1.95 5.64 -2.45
HG HYP A 3 -0.93 7.71 -2.39
HD22 HYP A 3 1.03 7.41 -0.25
HD23 HYP A 3 1.29 7.17 -2.01
HD1 HYP A 3 -2.02 7.39 0.08
N DTY A 4 -1.48 2.72 -2.00
CA DTY A 4 -1.85 1.48 -2.78
C DTY A 4 -1.26 0.07 -2.85
O DTY A 4 -1.18 -0.59 -3.89
CB DTY A 4 -2.17 1.96 -4.26
CG DTY A 4 -3.70 2.06 -4.17
CD1 DTY A 4 -4.47 0.91 -4.12
CD2 DTY A 4 -4.35 3.28 -4.11
CE1 DTY A 4 -5.83 0.98 -4.00
CE2 DTY A 4 -5.72 3.35 -4.00
CZ DTY A 4 -6.47 2.20 -3.94
OH DTY A 4 -7.83 2.28 -3.81
H DTY A 4 -2.06 2.93 -1.23
HA DTY A 4 -0.89 1.61 -3.23
HB2 DTY A 4 -1.91 1.23 -5.02
HB3 DTY A 4 -1.76 2.94 -4.51
HD1 DTY A 4 -4.00 -0.06 -4.18
HD2 DTY A 4 -3.76 4.20 -4.15
HE1 DTY A 4 -6.42 0.08 -3.95
HE2 DTY A 4 -6.21 4.32 -3.96
HH DTY A 4 -8.18 1.45 -4.18
N ASN A 5 -0.86 -0.37 -1.68
CA ASN A 5 -0.26 -1.74 -1.50
C ASN A 5 -1.37 -2.40 -0.67
N PRO A 6 -1.78 -3.61 -0.94
CA PRO A 6 -3.00 -4.14 -0.29
C PRO A 6 -2.82 -4.43 1.19
N LYS A 7 -1.60 -4.29 1.57
CA LYS A 7 -1.22 -4.53 3.00
C LYS A 7 -0.90 -3.20 3.67
N CY3 A 8 -1.08 -2.12 2.95
CA CY3 A 8 -0.80 -0.76 3.54
C CY3 A 8 -1.35 -0.61 4.97
O CY3 A 8 -2.35 -1.19 5.35
CB CY3 A 8 -1.40 0.35 2.64
SG CY3 A 8 -0.55 0.72 1.09
N1 CY3 A 8 -0.75 0.17 5.81
H CY3 A 8 -1.42 -2.21 2.02
HA CY3 A 8 0.29 -0.67 3.58
HB2 CY3 A 8 -1.45 1.26 3.23
HB3 CY3 A 8 -2.42 0.04 2.40
HN11 CY3 A 8 0.06 0.63 5.52
HN12 CY3 A 8 -1.10 0.26 6.72
N GLY A 1 5.41 1.15 -2.25
CA GLY A 1 5.19 1.68 -0.88
C GLY A 1 3.70 2.02 -0.83
N CYS A 2 3.33 2.97 -0.02
CA CYS A 2 1.89 3.38 0.11
C CYS A 2 1.91 4.86 -0.32
N HYP A 3 0.85 5.38 -0.90
CA HYP A 3 -0.44 4.68 -1.19
C HYP A 3 -0.26 3.56 -2.20
O HYP A 3 0.69 3.56 -2.95
CB HYP A 3 -1.41 5.76 -1.68
CG HYP A 3 -0.64 7.11 -1.65
CD HYP A 3 0.85 6.80 -1.35
OD1 HYP A 3 -1.12 7.80 -0.49
HA HYP A 3 -0.81 4.27 -0.25
HB2 HYP A 3 -2.33 5.78 -1.14
HB3 HYP A 3 -1.67 5.57 -2.72
HG HYP A 3 -0.78 7.71 -2.55
HD22 HYP A 3 1.31 7.41 -0.57
HD23 HYP A 3 1.46 6.88 -2.24
HD1 HYP A 3 -0.99 7.19 0.24
N DTY A 4 -1.20 2.65 -2.17
CA DTY A 4 -1.33 1.41 -3.05
C DTY A 4 -0.87 -0.02 -2.82
O DTY A 4 -0.84 -0.80 -3.75
CB DTY A 4 -0.92 1.82 -4.56
CG DTY A 4 -2.26 1.88 -5.30
CD1 DTY A 4 -2.90 0.70 -5.56
CD2 DTY A 4 -2.86 3.06 -5.72
CE1 DTY A 4 -4.11 0.67 -6.20
CE2 DTY A 4 -4.07 3.03 -6.36
CZ DTY A 4 -4.71 1.83 -6.62
OH DTY A 4 -5.92 1.80 -7.27
H DTY A 4 -1.91 2.78 -1.50
HA DTY A 4 -0.26 1.48 -3.07
HB2 DTY A 4 -0.30 1.09 -5.03
HB3 DTY A 4 -0.43 2.77 -4.69
HD1 DTY A 4 -2.48 -0.24 -5.26
HD2 DTY A 4 -2.37 4.00 -5.53
HE1 DTY A 4 -4.61 -0.29 -6.37
HE2 DTY A 4 -4.53 3.96 -6.67
HH DTY A 4 -6.22 0.87 -7.33
N ASN A 5 -0.52 -0.36 -1.62
CA ASN A 5 -0.08 -1.76 -1.37
C ASN A 5 -1.22 -2.32 -0.50
N PRO A 6 -1.83 -3.41 -0.89
CA PRO A 6 -3.04 -3.93 -0.20
C PRO A 6 -2.81 -4.24 1.26
N LYS A 7 -1.57 -4.32 1.59
CA LYS A 7 -1.17 -4.62 2.99
C LYS A 7 -0.83 -3.32 3.75
N CY3 A 8 -1.26 -2.19 3.22
CA CY3 A 8 -0.96 -0.88 3.92
C CY3 A 8 -2.09 -0.67 4.93
O CY3 A 8 -2.85 0.28 4.88
CB CY3 A 8 -0.93 0.28 2.88
SG CY3 A 8 0.42 0.34 1.67
N1 CY3 A 8 -2.24 -1.54 5.88
H CY3 A 8 -1.76 -2.21 2.38
HA CY3 A 8 -0.02 -0.96 4.43
HB2 CY3 A 8 -0.92 1.21 3.43
HB3 CY3 A 8 -1.86 0.26 2.34
HN11 CY3 A 8 -1.63 -2.31 5.93
HN12 CY3 A 8 -2.94 -1.43 6.54
N GLY A 1 5.15 0.69 -1.18
CA GLY A 1 4.28 1.54 -2.02
C GLY A 1 3.00 1.83 -1.24
N CYS A 2 3.07 2.79 -0.37
CA CYS A 2 1.89 3.18 0.45
C CYS A 2 1.88 4.74 0.30
N HYP A 3 0.97 5.34 -0.40
CA HYP A 3 -0.25 4.67 -0.96
C HYP A 3 0.00 3.58 -2.00
O HYP A 3 1.03 3.53 -2.64
CB HYP A 3 -1.11 5.79 -1.57
CG HYP A 3 -0.15 6.99 -1.68
CD HYP A 3 1.05 6.78 -0.72
OD1 HYP A 3 -0.86 8.14 -1.26
HA HYP A 3 -0.79 4.21 -0.14
HB2 HYP A 3 -1.97 6.03 -0.95
HB3 HYP A 3 -1.48 5.52 -2.54
HG HYP A 3 0.19 7.16 -2.69
HD22 HYP A 3 0.95 7.38 0.18
HD23 HYP A 3 2.00 6.98 -1.21
HD1 HYP A 3 -1.26 7.93 -0.41
N DTY A 4 -1.03 2.76 -2.08
CA DTY A 4 -1.19 1.56 -2.98
C DTY A 4 -0.81 0.11 -2.89
O DTY A 4 -0.79 -0.60 -3.88
CB DTY A 4 -0.84 2.08 -4.47
CG DTY A 4 -2.22 2.15 -5.13
CD1 DTY A 4 -2.75 0.99 -5.68
CD2 DTY A 4 -2.93 3.33 -5.14
CE1 DTY A 4 -3.98 1.04 -6.25
CE2 DTY A 4 -4.17 3.34 -5.73
CZ DTY A 4 -4.70 2.20 -6.28
OH DTY A 4 -5.92 2.19 -6.89
H DTY A 4 -1.77 2.95 -1.49
HA DTY A 4 -0.10 1.59 -3.00
HB2 DTY A 4 -0.20 1.37 -5.00
HB3 DTY A 4 -0.35 3.05 -4.48
HD1 DTY A 4 -2.17 0.08 -5.63
HD2 DTY A 4 -2.54 4.23 -4.70
HE1 DTY A 4 -4.39 0.14 -6.68
HE2 DTY A 4 -4.74 4.25 -5.76
HH DTY A 4 -6.60 2.42 -6.25
N ASN A 5 -0.49 -0.34 -1.71
CA ASN A 5 -0.12 -1.80 -1.58
C ASN A 5 -1.16 -2.39 -0.65
N PRO A 6 -1.63 -3.59 -0.88
CA PRO A 6 -2.82 -4.09 -0.13
C PRO A 6 -2.58 -4.43 1.33
N LYS A 7 -1.37 -4.16 1.69
CA LYS A 7 -0.89 -4.40 3.08
C LYS A 7 -0.84 -3.06 3.80
N CY3 A 8 -1.00 -1.98 3.08
CA CY3 A 8 -0.95 -0.63 3.70
C CY3 A 8 -2.35 -0.20 4.18
O CY3 A 8 -2.52 0.71 4.96
CB CY3 A 8 -0.43 0.42 2.71
SG CY3 A 8 0.90 0.02 1.53
N1 CY3 A 8 -3.37 -0.85 3.69
H CY3 A 8 -1.17 -2.07 2.11
HA CY3 A 8 -0.32 -0.68 4.57
HB2 CY3 A 8 -0.10 1.27 3.29
HB3 CY3 A 8 -1.27 0.76 2.12
HN11 CY3 A 8 -3.23 -1.59 3.06
HN12 CY3 A 8 -4.28 -0.58 3.96
N GLY A 1 5.64 2.29 -2.29
CA GLY A 1 5.21 1.41 -1.17
C GLY A 1 3.74 1.71 -0.89
N CYS A 2 3.49 2.67 -0.06
CA CYS A 2 2.09 3.08 0.29
C CYS A 2 2.14 4.57 -0.08
N HYP A 3 1.17 5.14 -0.73
CA HYP A 3 -0.19 4.56 -1.02
C HYP A 3 -0.22 3.31 -1.93
O HYP A 3 0.75 2.97 -2.58
CB HYP A 3 -1.01 5.71 -1.61
CG HYP A 3 -0.05 6.91 -1.79
CD HYP A 3 1.37 6.51 -1.28
OD1 HYP A 3 -0.50 7.84 -0.82
HA HYP A 3 -0.60 4.23 -0.08
HB2 HYP A 3 -1.85 5.94 -0.98
HB3 HYP A 3 -1.42 5.45 -2.57
HG HYP A 3 -0.07 7.35 -2.78
HD22 HYP A 3 1.75 7.14 -0.51
HD23 HYP A 3 2.07 6.45 -2.11
HD1 HYP A 3 -1.28 8.27 -1.18
N DTY A 4 -1.39 2.72 -1.90
CA DTY A 4 -1.81 1.48 -2.65
C DTY A 4 -1.23 0.07 -2.70
O DTY A 4 -1.17 -0.59 -3.73
CB DTY A 4 -2.16 1.96 -4.14
CG DTY A 4 -3.70 1.94 -4.20
CD1 DTY A 4 -4.35 0.74 -4.35
CD2 DTY A 4 -4.43 3.10 -4.08
CE1 DTY A 4 -5.73 0.69 -4.37
CE2 DTY A 4 -5.82 3.05 -4.11
CZ DTY A 4 -6.46 1.85 -4.25
OH DTY A 4 -7.85 1.80 -4.27
H DTY A 4 -2.06 3.13 -1.32
HA DTY A 4 -0.88 1.61 -3.18
HB2 DTY A 4 -1.78 1.29 -4.90
HB3 DTY A 4 -1.80 2.96 -4.36
HD1 DTY A 4 -3.78 -0.18 -4.45
HD2 DTY A 4 -3.93 4.05 -3.97
HE1 DTY A 4 -6.23 -0.27 -4.50
HE2 DTY A 4 -6.38 3.96 -4.02
HH DTY A 4 -8.11 0.89 -4.07
N ASN A 5 -0.81 -0.36 -1.55
CA ASN A 5 -0.22 -1.74 -1.43
C ASN A 5 -1.27 -2.50 -0.62
N PRO A 6 -1.62 -3.71 -0.97
CA PRO A 6 -2.74 -4.40 -0.26
C PRO A 6 -2.58 -4.51 1.25
N LYS A 7 -1.39 -4.26 1.67
CA LYS A 7 -1.09 -4.31 3.13
C LYS A 7 -0.87 -2.87 3.64
N CY3 A 8 -1.49 -1.93 2.99
CA CY3 A 8 -1.33 -0.50 3.42
C CY3 A 8 -2.46 -0.20 4.42
O CY3 A 8 -3.20 -1.07 4.82
CB CY3 A 8 -1.45 0.46 2.20
SG CY3 A 8 -0.01 0.65 1.13
N1 CY3 A 8 -2.63 1.02 4.84
H CY3 A 8 -2.05 -2.16 2.20
HA CY3 A 8 -0.38 -0.37 3.91
HB2 CY3 A 8 -1.71 1.45 2.55
HB3 CY3 A 8 -2.28 0.13 1.59
HN11 CY3 A 8 -2.04 1.73 4.53
HN12 CY3 A 8 -3.35 1.19 5.45
N GLY A 1 6.22 1.23 -0.70
CA GLY A 1 5.78 2.60 -0.96
C GLY A 1 4.29 2.44 -0.93
N CYS A 2 3.65 3.26 -0.15
CA CYS A 2 2.16 3.23 0.01
C CYS A 2 1.82 4.73 -0.24
N HYP A 3 0.61 5.07 -0.62
CA HYP A 3 -0.49 4.13 -0.77
C HYP A 3 -0.29 3.13 -1.92
O HYP A 3 0.67 2.99 -2.66
CB HYP A 3 -1.78 5.03 -0.95
CG HYP A 3 -1.21 6.33 -1.52
CD HYP A 3 0.22 6.47 -0.98
OD1 HYP A 3 -2.04 7.34 -0.96
HA HYP A 3 -0.58 3.53 0.14
HB2 HYP A 3 -2.21 5.12 0.00
HB3 HYP A 3 -2.47 4.54 -1.62
HG HYP A 3 -1.23 6.37 -2.58
HD22 HYP A 3 0.31 7.08 -0.10
HD23 HYP A 3 0.93 6.86 -1.73
HD1 HYP A 3 -2.94 7.00 -0.93
N DTY A 4 -1.39 2.40 -1.98
CA DTY A 4 -1.80 1.30 -2.92
C DTY A 4 -1.36 -0.17 -3.06
O DTY A 4 -1.38 -0.75 -4.12
CB DTY A 4 -1.86 2.01 -4.33
CG DTY A 4 -3.20 2.67 -4.07
CD1 DTY A 4 -3.43 3.97 -3.78
CD2 DTY A 4 -4.31 1.83 -4.08
CE1 DTY A 4 -4.70 4.51 -3.47
CE2 DTY A 4 -5.59 2.31 -3.78
CZ DTY A 4 -5.79 3.63 -3.48
OH DTY A 4 -7.03 4.16 -3.13
H DTY A 4 -2.06 2.59 -1.33
HA DTY A 4 -0.77 1.32 -3.25
HB2 DTY A 4 -1.94 1.37 -5.18
HB3 DTY A 4 -1.16 2.78 -4.49
HD1 DTY A 4 -2.59 4.67 -3.80
HD2 DTY A 4 -4.27 0.81 -4.31
HE1 DTY A 4 -4.80 5.58 -3.24
HE2 DTY A 4 -6.48 1.66 -3.75
HH DTY A 4 -7.07 4.18 -2.15
N ASN A 5 -0.94 -0.67 -1.91
CA ASN A 5 -0.53 -2.10 -1.88
C ASN A 5 -1.44 -2.57 -0.75
N PRO A 6 -2.20 -3.62 -0.91
CA PRO A 6 -3.45 -3.84 -0.09
C PRO A 6 -3.12 -4.19 1.36
N LYS A 7 -1.85 -4.15 1.57
CA LYS A 7 -1.27 -4.45 2.91
C LYS A 7 -0.65 -3.16 3.49
N CY3 A 8 -1.02 -2.03 2.97
CA CY3 A 8 -0.51 -0.70 3.44
C CY3 A 8 -1.45 -0.16 4.56
O CY3 A 8 -1.18 0.77 5.27
CB CY3 A 8 -0.47 0.31 2.28
SG CY3 A 8 0.80 0.09 1.01
N1 CY3 A 8 -2.54 -0.75 4.72
H CY3 A 8 -1.68 -2.03 2.23
HA CY3 A 8 0.46 -0.84 3.87
HB2 CY3 A 8 -0.33 1.28 2.72
HB3 CY3 A 8 -1.42 0.31 1.80
HN11 CY3 A 8 -2.78 -1.52 4.27
HN12 CY3 A 8 -3.20 -0.48 5.43
N GLY A 1 6.48 2.05 -0.04
CA GLY A 1 5.98 2.55 -1.34
C GLY A 1 4.47 2.40 -1.41
N CYS A 2 3.77 3.23 -0.68
CA CYS A 2 2.28 3.24 -0.62
C CYS A 2 2.01 4.78 -0.77
N HYP A 3 0.81 5.24 -1.08
CA HYP A 3 -0.47 4.48 -1.12
C HYP A 3 -0.49 3.35 -2.17
O HYP A 3 0.36 3.26 -3.02
CB HYP A 3 -1.55 5.53 -1.38
CG HYP A 3 -0.84 6.92 -1.18
CD HYP A 3 0.65 6.68 -1.43
OD1 HYP A 3 -0.93 7.18 0.21
HA HYP A 3 -0.60 4.05 -0.14
HB2 HYP A 3 -2.39 5.38 -0.73
HB3 HYP A 3 -1.87 5.48 -2.41
HG HYP A 3 -1.29 7.73 -1.76
HD22 HYP A 3 1.30 7.29 -0.83
HD23 HYP A 3 0.90 6.82 -2.47
HD1 HYP A 3 -1.01 8.14 0.32
N DTY A 4 -1.50 2.52 -2.03
CA DTY A 4 -1.82 1.32 -2.86
C DTY A 4 -1.34 -0.12 -2.69
O DTY A 4 -1.49 -0.94 -3.58
CB DTY A 4 -1.70 1.72 -4.43
CG DTY A 4 -3.15 1.79 -4.95
CD1 DTY A 4 -3.68 0.69 -5.60
CD2 DTY A 4 -3.93 2.91 -4.81
CE1 DTY A 4 -4.98 0.71 -6.09
CE2 DTY A 4 -5.24 2.92 -5.30
CZ DTY A 4 -5.77 1.82 -5.94
OH DTY A 4 -7.07 1.79 -6.45
H DTY A 4 -2.11 2.73 -1.28
HA DTY A 4 -0.76 1.36 -3.13
HB2 DTY A 4 -1.16 0.99 -5.02
HB3 DTY A 4 -1.24 2.70 -4.59
HD1 DTY A 4 -3.09 -0.21 -5.74
HD2 DTY A 4 -3.55 3.79 -4.32
HE1 DTY A 4 -5.36 -0.17 -6.57
HE2 DTY A 4 -5.82 3.83 -5.16
HH DTY A 4 -7.28 2.70 -6.73
N ASN A 5 -0.80 -0.39 -1.54
CA ASN A 5 -0.30 -1.77 -1.27
C ASN A 5 -1.44 -2.32 -0.44
N PRO A 6 -2.07 -3.39 -0.85
CA PRO A 6 -3.37 -3.76 -0.22
C PRO A 6 -3.21 -4.31 1.17
N LYS A 7 -1.98 -4.30 1.56
CA LYS A 7 -1.62 -4.80 2.91
C LYS A 7 -1.08 -3.66 3.76
N CY3 A 8 -1.16 -2.46 3.23
CA CY3 A 8 -0.62 -1.30 4.03
C CY3 A 8 -1.77 -0.91 4.99
O CY3 A 8 -2.92 -1.23 4.78
CB CY3 A 8 -0.27 -0.08 3.10
SG CY3 A 8 1.38 0.00 2.35
N1 CY3 A 8 -1.50 -0.21 6.04
H CY3 A 8 -1.57 -2.32 2.35
HA CY3 A 8 0.22 -1.61 4.60
HB2 CY3 A 8 -0.41 0.83 3.68
HB3 CY3 A 8 -1.01 -0.05 2.29
HN11 CY3 A 8 -0.58 0.07 6.22
HN12 CY3 A 8 -2.21 0.03 6.65
N GLY A 1 6.00 1.71 0.40
CA GLY A 1 5.59 1.76 -1.05
C GLY A 1 4.06 1.87 -1.09
N CYS A 2 3.57 2.88 -0.42
CA CYS A 2 2.11 3.19 -0.31
C CYS A 2 2.03 4.69 -0.68
N HYP A 3 0.85 5.25 -0.83
CA HYP A 3 -0.46 4.52 -0.89
C HYP A 3 -0.51 3.52 -2.06
O HYP A 3 0.31 3.54 -2.98
CB HYP A 3 -1.52 5.62 -1.03
CG HYP A 3 -0.78 6.97 -0.74
CD HYP A 3 0.72 6.72 -0.92
OD1 HYP A 3 -0.99 7.19 0.65
HA HYP A 3 -0.62 4.01 0.06
HB2 HYP A 3 -2.35 5.44 -0.36
HB3 HYP A 3 -1.91 5.63 -2.04
HG HYP A 3 -1.18 7.79 -1.33
HD22 HYP A 3 1.30 7.18 -0.13
HD23 HYP A 3 1.08 7.06 -1.89
HD1 HYP A 3 -1.85 7.60 0.76
N DTY A 4 -1.47 2.63 -1.95
CA DTY A 4 -1.84 1.51 -2.87
C DTY A 4 -1.44 0.04 -2.92
O DTY A 4 -1.52 -0.63 -3.94
CB DTY A 4 -1.80 2.11 -4.37
CG DTY A 4 -3.15 2.83 -4.49
CD1 DTY A 4 -4.30 2.09 -4.66
CD2 DTY A 4 -3.25 4.21 -4.42
CE1 DTY A 4 -5.52 2.71 -4.74
CE2 DTY A 4 -4.48 4.82 -4.50
CZ DTY A 4 -5.61 4.07 -4.67
OH DTY A 4 -6.85 4.69 -4.74
H DTY A 4 -2.04 2.74 -1.16
HA DTY A 4 -0.81 1.54 -3.14
HB2 DTY A 4 -1.76 1.34 -5.11
HB3 DTY A 4 -1.00 2.80 -4.58
HD1 DTY A 4 -4.24 1.02 -4.72
HD2 DTY A 4 -2.34 4.80 -4.29
HE1 DTY A 4 -6.40 2.10 -4.87
HE2 DTY A 4 -4.52 5.89 -4.44
HH DTY A 4 -7.54 4.02 -4.79
N ASN A 5 -1.01 -0.44 -1.80
CA ASN A 5 -0.59 -1.86 -1.68
C ASN A 5 -1.60 -2.43 -0.69
N PRO A 6 -2.14 -3.61 -0.90
CA PRO A 6 -3.24 -4.09 -0.03
C PRO A 6 -2.79 -4.30 1.40
N LYS A 7 -1.50 -4.30 1.52
CA LYS A 7 -0.87 -4.50 2.86
C LYS A 7 -0.49 -3.15 3.48
N CY3 A 8 -1.02 -2.08 2.95
CA CY3 A 8 -0.70 -0.72 3.51
C CY3 A 8 -1.75 -0.38 4.59
O CY3 A 8 -1.82 -1.01 5.62
CB CY3 A 8 -0.73 0.32 2.36
SG CY3 A 8 0.55 0.19 1.08
N1 CY3 A 8 -2.59 0.58 4.40
H CY3 A 8 -1.64 -2.16 2.18
HA CY3 A 8 0.29 -0.75 3.98
HB2 CY3 A 8 -0.63 1.30 2.81
HB3 CY3 A 8 -1.69 0.29 1.87
HN11 CY3 A 8 -2.58 1.11 3.57
HN12 CY3 A 8 -3.26 0.77 5.12
N GLY A 1 6.39 1.03 -1.13
CA GLY A 1 5.88 2.42 -1.14
C GLY A 1 4.36 2.29 -1.06
N CYS A 2 3.71 3.15 -0.31
CA CYS A 2 2.22 3.13 -0.14
C CYS A 2 1.90 4.65 -0.16
N HYP A 3 0.73 5.09 -0.56
CA HYP A 3 -0.51 4.28 -0.82
C HYP A 3 -0.43 3.26 -2.00
O HYP A 3 0.52 3.17 -2.74
CB HYP A 3 -1.61 5.32 -1.12
CG HYP A 3 -0.87 6.61 -1.47
CD HYP A 3 0.54 6.53 -0.83
OD1 HYP A 3 -1.57 7.66 -0.83
HA HYP A 3 -0.76 3.75 0.10
HB2 HYP A 3 -2.17 5.46 -0.20
HB3 HYP A 3 -2.26 5.01 -1.93
HG HYP A 3 -0.80 6.80 -2.53
HD22 HYP A 3 0.59 7.06 0.12
HD23 HYP A 3 1.33 6.91 -1.48
HD1 HYP A 3 -0.97 8.40 -0.75
N DTY A 4 -1.53 2.53 -2.05
CA DTY A 4 -1.89 1.44 -3.00
C DTY A 4 -1.51 -0.02 -3.05
O DTY A 4 -1.78 -0.69 -4.02
CB DTY A 4 -1.80 2.13 -4.46
CG DTY A 4 -3.19 2.75 -4.46
CD1 DTY A 4 -3.39 4.10 -4.24
CD2 DTY A 4 -4.29 1.93 -4.63
CE1 DTY A 4 -4.66 4.62 -4.17
CE2 DTY A 4 -5.54 2.45 -4.58
CZ DTY A 4 -5.72 3.76 -4.35
OH DTY A 4 -7.02 4.21 -4.27
H DTY A 4 -2.19 2.76 -1.36
HA DTY A 4 -0.83 1.45 -3.25
HB2 DTY A 4 -1.72 1.41 -5.24
HB3 DTY A 4 -1.03 2.87 -4.57
HD1 DTY A 4 -2.53 4.76 -4.08
HD2 DTY A 4 -4.12 0.89 -4.80
HE1 DTY A 4 -4.80 5.68 -4.01
HE2 DTY A 4 -6.37 1.78 -4.71
HH DTY A 4 -7.46 3.83 -3.48
N ASN A 5 -0.88 -0.49 -2.02
CA ASN A 5 -0.50 -1.94 -1.97
C ASN A 5 -1.37 -2.40 -0.83
N PRO A 6 -2.09 -3.48 -0.96
CA PRO A 6 -3.18 -3.77 0.00
C PRO A 6 -2.72 -4.38 1.32
N LYS A 7 -1.54 -3.97 1.64
CA LYS A 7 -0.85 -4.42 2.89
C LYS A 7 -0.85 -3.22 3.86
N CY3 A 8 -1.01 -2.04 3.32
CA CY3 A 8 -1.04 -0.82 4.16
C CY3 A 8 -2.51 -0.58 4.51
O CY3 A 8 -3.41 -0.76 3.71
CB CY3 A 8 -0.44 0.34 3.36
SG CY3 A 8 1.37 0.32 3.21
N1 CY3 A 8 -2.84 -0.19 5.69
H CY3 A 8 -1.14 -1.95 2.36
HA CY3 A 8 -0.48 -0.98 5.06
HB2 CY3 A 8 -0.70 1.27 3.85
HB3 CY3 A 8 -0.87 0.35 2.37
HN11 CY3 A 8 -2.20 0.01 6.39
HN12 CY3 A 8 -3.77 0.01 5.91
N GLY A 1 5.86 1.02 -0.52
CA GLY A 1 5.32 1.91 -1.57
C GLY A 1 3.82 2.06 -1.32
N CYS A 2 3.45 3.00 -0.50
CA CYS A 2 2.00 3.25 -0.17
C CYS A 2 1.82 4.79 -0.28
N HYP A 3 0.69 5.33 -0.71
CA HYP A 3 -0.55 4.60 -1.08
C HYP A 3 -0.37 3.53 -2.18
O HYP A 3 0.58 3.56 -2.94
CB HYP A 3 -1.58 5.69 -1.52
CG HYP A 3 -0.92 7.06 -1.27
CD HYP A 3 0.57 6.82 -0.85
OD1 HYP A 3 -1.57 7.62 -0.14
HA HYP A 3 -0.93 4.08 -0.21
HB2 HYP A 3 -2.49 5.57 -0.95
HB3 HYP A 3 -1.79 5.56 -2.59
HG HYP A 3 -1.00 7.71 -2.13
HD22 HYP A 3 0.80 7.28 0.10
HD23 HYP A 3 1.26 7.16 -1.62
HD1 HYP A 3 -2.44 7.23 -0.07
N DTY A 4 -1.31 2.63 -2.16
CA DTY A 4 -1.50 1.43 -3.05
C DTY A 4 -0.87 0.03 -3.01
O DTY A 4 -0.53 -0.60 -4.00
CB DTY A 4 -1.52 1.92 -4.57
CG DTY A 4 -3.02 1.78 -4.90
CD1 DTY A 4 -3.96 2.78 -4.73
CD2 DTY A 4 -3.46 0.54 -5.37
CE1 DTY A 4 -5.30 2.54 -5.03
CE2 DTY A 4 -4.79 0.31 -5.67
CZ DTY A 4 -5.73 1.29 -5.50
OH DTY A 4 -7.06 1.06 -5.79
H DTY A 4 -2.00 2.76 -1.47
HA DTY A 4 -0.48 1.58 -3.33
HB2 DTY A 4 -0.95 1.29 -5.25
HB3 DTY A 4 -1.24 2.96 -4.67
HD1 DTY A 4 -3.67 3.75 -4.37
HD2 DTY A 4 -2.74 -0.26 -5.52
HE1 DTY A 4 -6.02 3.33 -4.89
HE2 DTY A 4 -5.07 -0.66 -6.03
HH DTY A 4 -7.12 0.11 -5.99
N ASN A 5 -0.74 -0.37 -1.78
CA ASN A 5 -0.17 -1.71 -1.43
C ASN A 5 -1.27 -2.22 -0.51
N PRO A 6 -1.95 -3.27 -0.83
CA PRO A 6 -3.14 -3.68 -0.06
C PRO A 6 -2.81 -4.13 1.35
N LYS A 7 -1.54 -4.25 1.55
CA LYS A 7 -1.06 -4.70 2.90
C LYS A 7 -0.86 -3.48 3.81
N CY3 A 8 -1.02 -2.30 3.26
CA CY3 A 8 -0.82 -1.07 4.09
C CY3 A 8 -2.19 -0.69 4.70
O CY3 A 8 -2.30 0.21 5.51
CB CY3 A 8 -0.30 0.09 3.21
SG CY3 A 8 1.45 0.53 3.36
N1 CY3 A 8 -3.24 -1.34 4.36
H CY3 A 8 -1.27 -2.22 2.32
HA CY3 A 8 -0.14 -1.26 4.90
HB2 CY3 A 8 -0.86 0.99 3.43
HB3 CY3 A 8 -0.50 -0.13 2.18
HN11 CY3 A 8 -3.16 -2.06 3.71
HN12 CY3 A 8 -4.13 -1.11 4.74
N GLY A 1 5.56 0.82 -2.03
CA GLY A 1 5.36 1.91 -1.04
C GLY A 1 3.86 2.14 -0.93
N CYS A 2 3.46 3.10 -0.16
CA CYS A 2 2.01 3.44 0.03
C CYS A 2 1.89 4.90 -0.38
N HYP A 3 0.70 5.38 -0.69
CA HYP A 3 -0.53 4.56 -0.85
C HYP A 3 -0.47 3.55 -2.00
O HYP A 3 0.21 3.73 -3.00
CB HYP A 3 -1.69 5.54 -1.06
CG HYP A 3 -1.06 6.99 -1.13
CD HYP A 3 0.46 6.84 -0.87
OD1 HYP A 3 -1.63 7.70 -0.04
HA HYP A 3 -0.68 4.03 0.09
HB2 HYP A 3 -2.36 5.44 -0.23
HB3 HYP A 3 -2.21 5.34 -1.99
HG HYP A 3 -1.27 7.47 -2.08
HD22 HYP A 3 0.80 7.38 0.01
HD23 HYP A 3 1.06 7.19 -1.72
HD1 HYP A 3 -2.26 8.32 -0.43
N DTY A 4 -1.21 2.50 -1.78
CA DTY A 4 -1.44 1.29 -2.61
C DTY A 4 -0.79 -0.09 -2.63
O DTY A 4 -0.48 -0.70 -3.64
CB DTY A 4 -1.61 1.75 -4.15
CG DTY A 4 -3.12 1.57 -4.35
CD1 DTY A 4 -4.01 2.61 -4.24
CD2 DTY A 4 -3.61 0.31 -4.63
CE1 DTY A 4 -5.36 2.41 -4.40
CE2 DTY A 4 -4.95 0.11 -4.80
CZ DTY A 4 -5.84 1.15 -4.68
OH DTY A 4 -7.19 0.92 -4.84
H DTY A 4 -1.68 2.53 -0.93
HA DTY A 4 -0.45 1.51 -2.94
HB2 DTY A 4 -1.07 1.13 -4.85
HB3 DTY A 4 -1.34 2.79 -4.33
HD1 DTY A 4 -3.66 3.61 -4.01
HD2 DTY A 4 -2.93 -0.52 -4.72
HE1 DTY A 4 -6.06 3.23 -4.31
HE2 DTY A 4 -5.30 -0.90 -5.02
HH DTY A 4 -7.37 0.00 -4.59
N ASN A 5 -0.60 -0.51 -1.42
CA ASN A 5 -0.01 -1.84 -1.14
C ASN A 5 -1.25 -2.46 -0.51
N PRO A 6 -1.68 -3.62 -0.95
CA PRO A 6 -2.94 -4.22 -0.42
C PRO A 6 -2.93 -4.41 1.08
N LYS A 7 -1.75 -4.28 1.58
CA LYS A 7 -1.49 -4.43 3.04
C LYS A 7 -0.88 -3.07 3.47
N CY3 A 8 -1.45 -2.02 2.94
CA CY3 A 8 -0.96 -0.65 3.30
C CY3 A 8 -1.67 -0.30 4.60
O CY3 A 8 -2.79 -0.71 4.86
CB CY3 A 8 -1.34 0.43 2.25
SG CY3 A 8 -0.11 0.90 1.02
N1 CY3 A 8 -1.11 0.49 5.46
H CY3 A 8 -2.19 -2.15 2.29
HA CY3 A 8 0.12 -0.68 3.46
HB2 CY3 A 8 -1.64 1.33 2.77
HB3 CY3 A 8 -2.23 0.08 1.72
HN11 CY3 A 8 -0.21 0.84 5.29
HN12 CY3 A 8 -1.57 0.71 6.29
N GLY A 1 6.50 1.04 -0.74
CA GLY A 1 5.97 2.38 -0.46
C GLY A 1 4.47 2.31 -0.84
N CYS A 2 3.65 3.16 -0.26
CA CYS A 2 2.18 3.23 -0.50
C CYS A 2 1.97 4.74 -0.78
N HYP A 3 0.83 5.22 -1.18
CA HYP A 3 -0.48 4.52 -1.22
C HYP A 3 -0.56 3.33 -2.20
O HYP A 3 0.37 3.09 -2.95
CB HYP A 3 -1.55 5.63 -1.58
CG HYP A 3 -0.76 6.92 -1.89
CD HYP A 3 0.74 6.62 -1.67
OD1 HYP A 3 -1.17 7.82 -0.88
HA HYP A 3 -0.72 4.13 -0.24
HB2 HYP A 3 -2.26 5.71 -0.76
HB3 HYP A 3 -2.10 5.30 -2.46
HG HYP A 3 -0.97 7.33 -2.86
HD22 HYP A 3 1.23 7.26 -0.93
HD23 HYP A 3 1.27 6.67 -2.60
HD1 HYP A 3 -1.32 8.70 -1.27
N DTY A 4 -1.68 2.67 -2.12
CA DTY A 4 -2.11 1.47 -2.94
C DTY A 4 -1.62 0.03 -2.82
O DTY A 4 -1.84 -0.76 -3.71
CB DTY A 4 -2.13 1.92 -4.45
CG DTY A 4 -3.55 2.43 -4.70
CD1 DTY A 4 -3.78 3.67 -5.24
CD2 DTY A 4 -4.65 1.66 -4.33
CE1 DTY A 4 -5.07 4.15 -5.45
CE2 DTY A 4 -5.93 2.13 -4.53
CZ DTY A 4 -6.15 3.36 -5.08
OH DTY A 4 -7.46 3.82 -5.22
H DTY A 4 -2.32 3.00 -1.46
HA DTY A 4 -1.10 1.43 -3.30
HB2 DTY A 4 -1.96 1.08 -5.13
HB3 DTY A 4 -1.42 2.72 -4.72
HD1 DTY A 4 -2.95 4.30 -5.54
HD2 DTY A 4 -4.50 0.69 -3.90
HE1 DTY A 4 -5.23 5.10 -5.91
HE2 DTY A 4 -6.77 1.50 -4.24
HH DTY A 4 -7.37 4.77 -5.43
N ASN A 5 -0.97 -0.27 -1.73
CA ASN A 5 -0.49 -1.66 -1.57
C ASN A 5 -1.45 -2.29 -0.58
N PRO A 6 -2.13 -3.34 -0.94
CA PRO A 6 -3.25 -3.87 -0.10
C PRO A 6 -2.85 -4.48 1.23
N LYS A 7 -1.64 -4.20 1.54
CA LYS A 7 -1.02 -4.69 2.80
C LYS A 7 -0.77 -3.50 3.72
N CY3 A 8 -0.98 -2.31 3.25
CA CY3 A 8 -0.75 -1.10 4.11
C CY3 A 8 -2.02 -0.71 4.87
O CY3 A 8 -2.01 -0.41 6.06
CB CY3 A 8 -0.30 0.11 3.24
SG CY3 A 8 1.19 -0.05 2.22
N1 CY3 A 8 -3.14 -0.68 4.23
H CY3 A 8 -1.30 -2.21 2.33
HA CY3 A 8 0.03 -1.32 4.84
HB2 CY3 A 8 -0.13 0.94 3.91
HB3 CY3 A 8 -1.12 0.38 2.60
HN11 CY3 A 8 -3.14 -0.92 3.27
HN12 CY3 A 8 -3.96 -0.40 4.67
N GLY A 1 5.82 0.40 0.14
CA GLY A 1 5.63 1.81 -0.32
C GLY A 1 4.12 1.94 -0.50
N CYS A 2 3.58 3.10 -0.22
CA CYS A 2 2.12 3.35 -0.35
C CYS A 2 1.98 4.76 -0.98
N HYP A 3 0.81 5.31 -1.21
CA HYP A 3 -0.53 4.63 -1.13
C HYP A 3 -0.65 3.36 -2.04
O HYP A 3 0.25 2.97 -2.75
CB HYP A 3 -1.58 5.71 -1.52
CG HYP A 3 -0.80 7.08 -1.60
CD HYP A 3 0.70 6.75 -1.61
OD1 HYP A 3 -1.08 7.73 -0.35
HA HYP A 3 -0.72 4.29 -0.11
HB2 HYP A 3 -2.35 5.74 -0.78
HB3 HYP A 3 -2.03 5.48 -2.49
HG HYP A 3 -1.12 7.68 -2.43
HD22 HYP A 3 1.23 7.33 -0.87
HD23 HYP A 3 1.14 6.89 -2.58
HD1 HYP A 3 -2.00 7.56 -0.11
N DTY A 4 -1.83 2.76 -2.00
CA DTY A 4 -2.26 1.54 -2.74
C DTY A 4 -1.69 0.11 -2.78
O DTY A 4 -1.79 -0.60 -3.77
CB DTY A 4 -2.61 1.98 -4.25
CG DTY A 4 -4.13 1.96 -4.35
CD1 DTY A 4 -4.90 3.11 -4.38
CD2 DTY A 4 -4.78 0.73 -4.44
CE1 DTY A 4 -6.28 3.04 -4.48
CE2 DTY A 4 -6.16 0.67 -4.53
CZ DTY A 4 -6.93 1.82 -4.55
OH DTY A 4 -8.30 1.74 -4.66
H DTY A 4 -2.51 3.19 -1.43
HA DTY A 4 -1.32 1.63 -3.27
HB2 DTY A 4 -2.21 1.33 -5.00
HB3 DTY A 4 -2.26 2.96 -4.47
HD1 DTY A 4 -4.43 4.08 -4.33
HD2 DTY A 4 -4.21 -0.18 -4.43
HE1 DTY A 4 -6.85 3.94 -4.50
HE2 DTY A 4 -6.65 -0.30 -4.60
HH DTY A 4 -8.46 2.01 -5.57
N ASN A 5 -1.09 -0.27 -1.68
CA ASN A 5 -0.50 -1.64 -1.59
C ASN A 5 -1.46 -2.35 -0.68
N PRO A 6 -1.87 -3.55 -1.00
CA PRO A 6 -3.03 -4.13 -0.26
C PRO A 6 -2.70 -4.44 1.20
N LYS A 7 -1.45 -4.24 1.45
CA LYS A 7 -0.87 -4.47 2.81
C LYS A 7 -0.37 -3.12 3.34
N CY3 A 8 -1.02 -2.05 2.94
CA CY3 A 8 -0.59 -0.70 3.41
C CY3 A 8 -1.37 -0.43 4.71
O CY3 A 8 -2.20 0.45 4.81
CB CY3 A 8 -0.94 0.38 2.35
SG CY3 A 8 0.25 0.59 1.00
N1 CY3 A 8 -1.12 -1.17 5.74
H CY3 A 8 -1.79 -2.14 2.31
HA CY3 A 8 0.47 -0.69 3.63
HB2 CY3 A 8 -1.01 1.34 2.86
HB3 CY3 A 8 -1.90 0.15 1.92
HN11 CY3 A 8 -0.44 -1.88 5.65
HN12 CY3 A 8 -1.60 -1.04 6.57
N GLY A 1 5.81 0.42 -0.95
CA GLY A 1 5.50 1.80 -0.50
C GLY A 1 4.01 1.98 -0.71
N CYS A 2 3.46 3.00 -0.11
CA CYS A 2 2.00 3.32 -0.23
C CYS A 2 1.93 4.82 -0.65
N HYP A 3 0.78 5.37 -0.92
CA HYP A 3 -0.53 4.64 -1.04
C HYP A 3 -0.56 3.56 -2.14
O HYP A 3 0.26 3.50 -3.02
CB HYP A 3 -1.61 5.72 -1.33
CG HYP A 3 -0.87 7.06 -1.43
CD HYP A 3 0.65 6.83 -1.16
OD1 HYP A 3 -1.40 7.81 -0.35
HA HYP A 3 -0.76 4.18 -0.09
HB2 HYP A 3 -2.35 5.70 -0.54
HB3 HYP A 3 -2.11 5.50 -2.26
HG HYP A 3 -1.06 7.57 -2.36
HD22 HYP A 3 0.99 7.37 -0.27
HD23 HYP A 3 1.24 7.11 -2.00
HD1 HYP A 3 -2.35 7.64 -0.28
N DTY A 4 -1.54 2.70 -2.01
CA DTY A 4 -1.88 1.52 -2.89
C DTY A 4 -1.32 0.10 -2.88
O DTY A 4 -1.25 -0.60 -3.87
CB DTY A 4 -1.92 2.08 -4.41
CG DTY A 4 -3.42 2.27 -4.67
CD1 DTY A 4 -4.17 1.32 -5.33
CD2 DTY A 4 -4.06 3.41 -4.22
CE1 DTY A 4 -5.53 1.51 -5.54
CE2 DTY A 4 -5.41 3.61 -4.42
CZ DTY A 4 -6.15 2.65 -5.08
OH DTY A 4 -7.51 2.80 -5.30
H DTY A 4 -2.13 2.85 -1.25
HA DTY A 4 -0.86 1.63 -3.22
HB2 DTY A 4 -1.55 1.34 -5.13
HB3 DTY A 4 -1.42 3.04 -4.53
HD1 DTY A 4 -3.70 0.42 -5.68
HD2 DTY A 4 -3.50 4.19 -3.71
HE1 DTY A 4 -6.09 0.77 -6.07
HE2 DTY A 4 -5.89 4.51 -4.06
HH DTY A 4 -7.74 3.73 -5.23
N ASN A 5 -0.94 -0.29 -1.70
CA ASN A 5 -0.37 -1.66 -1.46
C ASN A 5 -1.44 -2.35 -0.61
N PRO A 6 -1.85 -3.55 -0.96
CA PRO A 6 -2.96 -4.24 -0.24
C PRO A 6 -2.65 -4.42 1.23
N LYS A 7 -1.40 -4.29 1.51
CA LYS A 7 -0.93 -4.43 2.92
C LYS A 7 -0.56 -3.05 3.47
N CY3 A 8 -1.24 -2.05 3.00
CA CY3 A 8 -0.94 -0.67 3.51
C CY3 A 8 -1.61 -0.54 4.88
O CY3 A 8 -2.24 -1.45 5.39
CB CY3 A 8 -1.52 0.42 2.57
SG CY3 A 8 -0.64 0.81 1.03
N1 CY3 A 8 -1.52 0.57 5.53
H CY3 A 8 -1.94 -2.19 2.32
HA CY3 A 8 0.13 -0.55 3.62
HB2 CY3 A 8 -1.61 1.36 3.12
HB3 CY3 A 8 -2.53 0.14 2.30
HN11 CY3 A 8 -1.03 1.32 5.15
HN12 CY3 A 8 -1.95 0.68 6.40
N GLY A 1 6.62 1.26 -1.36
CA GLY A 1 5.95 2.44 -0.76
C GLY A 1 4.45 2.35 -1.09
N CYS A 2 3.66 3.10 -0.34
CA CYS A 2 2.16 3.19 -0.45
C CYS A 2 2.00 4.74 -0.51
N HYP A 3 0.88 5.32 -0.90
CA HYP A 3 -0.44 4.66 -1.11
C HYP A 3 -0.46 3.56 -2.20
O HYP A 3 0.41 3.50 -3.04
CB HYP A 3 -1.43 5.82 -1.45
CG HYP A 3 -0.65 7.16 -1.32
CD HYP A 3 0.86 6.79 -1.15
OD1 HYP A 3 -1.05 7.75 -0.09
HA HYP A 3 -0.75 4.20 -0.19
HB2 HYP A 3 -2.28 5.79 -0.76
HB3 HYP A 3 -1.78 5.70 -2.47
HG HYP A 3 -0.82 7.84 -2.15
HD22 HYP A 3 1.32 7.32 -0.33
HD23 HYP A 3 1.42 6.99 -2.07
HD1 HYP A 3 -2.01 7.70 -0.02
N DTY A 4 -1.47 2.73 -2.07
CA DTY A 4 -1.83 1.54 -2.92
C DTY A 4 -1.44 0.07 -2.87
O DTY A 4 -1.57 -0.65 -3.85
CB DTY A 4 -1.75 2.02 -4.46
CG DTY A 4 -3.24 2.14 -4.83
CD1 DTY A 4 -3.86 3.37 -4.88
CD2 DTY A 4 -3.97 0.99 -5.11
CE1 DTY A 4 -5.20 3.45 -5.20
CE2 DTY A 4 -5.31 1.08 -5.42
CZ DTY A 4 -5.93 2.31 -5.47
OH DTY A 4 -7.26 2.39 -5.81
H DTY A 4 -2.08 2.92 -1.32
HA DTY A 4 -0.78 1.56 -3.17
HB2 DTY A 4 -1.29 1.29 -5.11
HB3 DTY A 4 -1.27 2.99 -4.61
HD1 DTY A 4 -3.30 4.26 -4.68
HD2 DTY A 4 -3.49 0.01 -5.09
HE1 DTY A 4 -5.69 4.41 -5.23
HE2 DTY A 4 -5.88 0.21 -5.63
HH DTY A 4 -7.30 2.28 -6.77
N ASN A 5 -0.92 -0.35 -1.74
CA ASN A 5 -0.55 -1.81 -1.65
C ASN A 5 -1.46 -2.45 -0.59
N PRO A 6 -2.06 -3.57 -0.85
CA PRO A 6 -3.22 -4.04 -0.04
C PRO A 6 -2.85 -4.55 1.36
N LYS A 7 -1.62 -4.29 1.64
CA LYS A 7 -0.99 -4.67 2.94
C LYS A 7 -0.85 -3.43 3.82
N CY3 A 8 -1.21 -2.29 3.30
CA CY3 A 8 -1.12 -1.02 4.08
C CY3 A 8 -2.44 -0.75 4.82
O CY3 A 8 -3.37 -1.55 4.80
CB CY3 A 8 -0.75 0.13 3.09
SG CY3 A 8 1.01 0.30 2.74
N1 CY3 A 8 -2.60 0.34 5.48
H CY3 A 8 -1.56 -2.26 2.38
HA CY3 A 8 -0.33 -1.13 4.83
HB2 CY3 A 8 -1.11 1.06 3.49
HB3 CY3 A 8 -1.28 -0.04 2.14
HN11 CY3 A 8 -1.87 1.00 5.51
HN12 CY3 A 8 -3.46 0.52 5.93
N GLY A 1 6.45 2.93 -2.78
CA GLY A 1 6.10 2.58 -1.39
C GLY A 1 4.57 2.52 -1.39
N CYS A 2 3.94 2.99 -0.34
CA CYS A 2 2.45 2.99 -0.22
C CYS A 2 2.20 4.53 -0.19
N HYP A 3 1.02 5.02 -0.48
CA HYP A 3 -0.23 4.25 -0.65
C HYP A 3 -0.28 3.27 -1.82
O HYP A 3 0.52 3.30 -2.73
CB HYP A 3 -1.33 5.31 -0.78
CG HYP A 3 -0.60 6.60 -1.24
CD HYP A 3 0.83 6.50 -0.67
OD1 HYP A 3 -1.28 7.68 -0.63
HA HYP A 3 -0.40 3.69 0.26
HB2 HYP A 3 -1.79 5.44 0.19
HB3 HYP A 3 -2.10 5.00 -1.48
HG HYP A 3 -0.62 6.70 -2.32
HD22 HYP A 3 0.94 7.00 0.28
HD23 HYP A 3 1.57 6.87 -1.37
HD1 HYP A 3 -2.07 7.81 -1.16
N DTY A 4 -1.28 2.44 -1.70
CA DTY A 4 -1.72 1.32 -2.62
C DTY A 4 -1.29 -0.14 -2.64
O DTY A 4 -1.50 -0.85 -3.62
CB DTY A 4 -1.72 1.91 -4.12
CG DTY A 4 -3.17 2.37 -4.30
CD1 DTY A 4 -3.53 3.70 -4.20
CD2 DTY A 4 -4.16 1.45 -4.55
CE1 DTY A 4 -4.85 4.09 -4.35
CE2 DTY A 4 -5.47 1.83 -4.69
CZ DTY A 4 -5.82 3.15 -4.60
OH DTY A 4 -7.14 3.53 -4.75
H DTY A 4 -1.83 2.56 -0.89
HA DTY A 4 -0.68 1.36 -2.94
HB2 DTY A 4 -1.49 1.17 -4.85
HB3 DTY A 4 -1.06 2.77 -4.26
HD1 DTY A 4 -2.78 4.46 -4.01
HD2 DTY A 4 -3.90 0.40 -4.63
HE1 DTY A 4 -5.12 5.14 -4.28
HE2 DTY A 4 -6.23 1.09 -4.91
HH DTY A 4 -7.27 3.72 -5.70
N ASN A 5 -0.70 -0.59 -1.57
CA ASN A 5 -0.25 -2.01 -1.48
C ASN A 5 -1.32 -2.57 -0.55
N PRO A 6 -1.95 -3.68 -0.82
CA PRO A 6 -3.20 -4.05 -0.09
C PRO A 6 -2.98 -4.42 1.38
N LYS A 7 -1.75 -4.28 1.73
CA LYS A 7 -1.33 -4.58 3.13
C LYS A 7 -1.46 -3.28 3.94
N CY3 A 8 -1.50 -2.18 3.24
CA CY3 A 8 -1.61 -0.85 3.87
C CY3 A 8 -3.09 -0.50 4.00
O CY3 A 8 -3.72 -0.04 3.08
CB CY3 A 8 -0.87 0.19 2.99
SG CY3 A 8 0.93 0.00 2.82
N1 CY3 A 8 -3.70 -0.68 5.13
H CY3 A 8 -1.48 -2.25 2.26
HA CY3 A 8 -1.17 -0.88 4.86
HB2 CY3 A 8 -1.06 1.18 3.37
HB3 CY3 A 8 -1.30 0.15 1.99
HN11 CY3 A 8 -3.22 -1.05 5.90
HN12 CY3 A 8 -4.65 -0.45 5.20
N GLY A 1 6.37 2.91 -0.13
CA GLY A 1 5.72 1.88 -0.97
C GLY A 1 4.18 2.04 -0.98
N CYS A 2 3.65 3.04 -0.34
CA CYS A 2 2.17 3.27 -0.31
C CYS A 2 2.02 4.71 -0.84
N HYP A 3 0.84 5.20 -1.15
CA HYP A 3 -0.43 4.43 -1.20
C HYP A 3 -0.41 3.29 -2.24
O HYP A 3 0.49 3.16 -3.04
CB HYP A 3 -1.54 5.46 -1.52
CG HYP A 3 -0.84 6.86 -1.57
CD HYP A 3 0.69 6.64 -1.46
OD1 HYP A 3 -1.24 7.48 -0.35
HA HYP A 3 -0.62 4.01 -0.23
HB2 HYP A 3 -2.31 5.42 -0.75
HB3 HYP A 3 -1.98 5.25 -2.49
HG HYP A 3 -1.14 7.46 -2.43
HD22 HYP A 3 1.15 7.25 -0.70
HD23 HYP A 3 1.17 6.84 -2.40
HD1 HYP A 3 -2.20 7.55 -0.37
N DTY A 4 -1.44 2.49 -2.17
CA DTY A 4 -1.75 1.28 -3.02
C DTY A 4 -1.36 -0.18 -2.89
O DTY A 4 -1.52 -0.94 -3.83
CB DTY A 4 -1.57 1.70 -4.56
CG DTY A 4 -3.00 1.82 -5.08
CD1 DTY A 4 -3.73 3.00 -5.02
CD2 DTY A 4 -3.62 0.69 -5.60
CE1 DTY A 4 -5.04 3.05 -5.48
CE2 DTY A 4 -4.92 0.74 -6.05
CZ DTY A 4 -5.64 1.91 -5.99
OH DTY A 4 -6.94 1.95 -6.45
H DTY A 4 -2.09 2.71 -1.47
HA DTY A 4 -0.68 1.27 -3.21
HB2 DTY A 4 -1.05 0.95 -5.15
HB3 DTY A 4 -1.07 2.65 -4.68
HD1 DTY A 4 -3.28 3.88 -4.61
HD2 DTY A 4 -3.07 -0.24 -5.65
HE1 DTY A 4 -5.60 3.97 -5.42
HE2 DTY A 4 -5.38 -0.14 -6.45
HH DTY A 4 -6.89 1.99 -7.42
N ASN A 5 -0.84 -0.56 -1.75
CA ASN A 5 -0.45 -1.99 -1.54
C ASN A 5 -1.49 -2.41 -0.55
N PRO A 6 -2.34 -3.33 -0.92
CA PRO A 6 -3.52 -3.63 -0.06
C PRO A 6 -3.15 -4.05 1.34
N LYS A 7 -1.89 -4.25 1.49
CA LYS A 7 -1.35 -4.66 2.81
C LYS A 7 -0.73 -3.48 3.54
N CY3 A 8 -1.13 -2.29 3.24
CA CY3 A 8 -0.51 -1.12 3.97
C CY3 A 8 -1.39 -0.91 5.22
O CY3 A 8 -1.95 0.13 5.48
CB CY3 A 8 -0.54 0.16 3.06
SG CY3 A 8 0.65 1.48 3.51
N1 CY3 A 8 -1.51 -1.89 6.05
H CY3 A 8 -1.82 -2.16 2.54
HA CY3 A 8 0.49 -1.35 4.27
HB2 CY3 A 8 -1.53 0.58 3.06
HB3 CY3 A 8 -0.32 -0.14 2.04
HN11 CY3 A 8 -1.07 -2.74 5.85
HN12 CY3 A 8 -2.09 -1.82 6.84
#